data_6AYW
#
_entry.id   6AYW
#
_cell.length_a   54.149
_cell.length_b   68.110
_cell.length_c   84.825
_cell.angle_alpha   90.000
_cell.angle_beta   94.558
_cell.angle_gamma   90.000
#
_symmetry.space_group_name_H-M   'P 1 21 1'
#
loop_
_entity.id
_entity.type
_entity.pdbx_description
1 polymer 'Calcium/calmodulin-dependent protein kinase type II subunit delta'
2 non-polymer N-[2-(dimethylamino)ethyl]-3-[6-(thiophen-2-yl)imidazo[1,2-b]pyridazin-3-yl]benzamide
3 non-polymer 2,3-DIHYDROXY-1,4-DITHIOBUTANE
4 water water
#
_entity_poly.entity_id   1
_entity_poly.type   'polypeptide(L)'
_entity_poly.pdbx_seq_one_letter_code
;GHMSTTTCTRFTDEYQLFEELGKGAFSVVRRCMKIPTGQEYAAKIINTKKLSARDHQKLEREARICRLLKHPNIVRLHDS
ISEEGFHYLVFDLVTGGELFEDIVAREYYSEADASHCIQQILESVNHCHLNGIVHRDLKPENLLLASKSKGAAVKLADFG
LAIEVQGDQQAWFGFAGTPGYLSPEVLRKDPYGKPVDMWACGVILYILLVGYPPFWDEDQHRLYQQIKAGAYDFPSPEWD
TVTPEAKDLINKMLTINPAKRITASEALKHPWICQRSTVASMMHRQETVDCLKKFNARRKLK
;
_entity_poly.pdbx_strand_id   A,B
#
loop_
_chem_comp.id
_chem_comp.type
_chem_comp.name
_chem_comp.formula
C2V non-polymer N-[2-(dimethylamino)ethyl]-3-[6-(thiophen-2-yl)imidazo[1,2-b]pyridazin-3-yl]benzamide 'C21 H21 N5 O S'
DTT non-polymer 2,3-DIHYDROXY-1,4-DITHIOBUTANE 'C4 H10 O2 S2'
#
# COMPACT_ATOMS: atom_id res chain seq x y z
N THR A 9 3.50 -31.41 19.72
CA THR A 9 3.10 -30.14 20.33
C THR A 9 4.07 -29.00 19.99
N ARG A 10 4.76 -29.12 18.85
CA ARG A 10 5.85 -28.21 18.52
C ARG A 10 5.36 -26.79 18.21
N PHE A 11 4.14 -26.63 17.71
CA PHE A 11 3.71 -25.29 17.33
C PHE A 11 3.31 -24.44 18.54
N THR A 12 2.37 -24.95 19.34
CA THR A 12 1.91 -24.23 20.51
C THR A 12 3.07 -23.84 21.43
N ASP A 13 4.10 -24.68 21.52
CA ASP A 13 5.19 -24.44 22.45
C ASP A 13 6.22 -23.46 21.92
N GLU A 14 6.43 -23.41 20.60
CA GLU A 14 7.48 -22.60 20.04
C GLU A 14 7.00 -21.38 19.26
N TYR A 15 5.69 -21.22 19.04
CA TYR A 15 5.19 -20.14 18.20
C TYR A 15 4.17 -19.29 18.96
N GLN A 16 4.12 -18.01 18.59
CA GLN A 16 3.12 -17.07 19.09
C GLN A 16 2.21 -16.68 17.93
N LEU A 17 0.91 -16.91 18.08
CA LEU A 17 -0.04 -16.66 17.02
C LEU A 17 -0.43 -15.20 16.98
N PHE A 18 -0.53 -14.65 15.77
CA PHE A 18 -0.99 -13.27 15.63
C PHE A 18 -2.26 -13.21 14.78
N GLU A 19 -2.39 -12.16 13.97
CA GLU A 19 -3.63 -11.92 13.25
C GLU A 19 -3.81 -12.88 12.08
N GLU A 20 -5.01 -12.88 11.55
CA GLU A 20 -5.42 -13.76 10.47
C GLU A 20 -5.12 -13.08 9.13
N LEU A 21 -4.33 -13.73 8.29
CA LEU A 21 -4.03 -13.21 6.96
C LEU A 21 -5.10 -13.55 5.94
N GLY A 22 -5.85 -14.61 6.16
CA GLY A 22 -6.90 -15.02 5.24
C GLY A 22 -7.59 -16.23 5.82
N LYS A 23 -8.83 -16.45 5.37
CA LYS A 23 -9.64 -17.53 5.92
C LYS A 23 -10.46 -18.15 4.81
N GLY A 24 -10.71 -19.45 4.95
CA GLY A 24 -11.52 -20.18 4.02
C GLY A 24 -12.51 -21.08 4.72
N ALA A 25 -13.16 -21.96 3.96
CA ALA A 25 -14.16 -22.85 4.54
C ALA A 25 -13.53 -23.93 5.41
N PHE A 26 -12.29 -24.33 5.11
CA PHE A 26 -11.66 -25.47 5.78
C PHE A 26 -10.25 -25.20 6.27
N SER A 27 -9.81 -23.94 6.32
CA SER A 27 -8.52 -23.63 6.94
C SER A 27 -8.46 -22.15 7.25
N VAL A 28 -7.36 -21.75 7.88
CA VAL A 28 -7.09 -20.36 8.20
C VAL A 28 -5.57 -20.19 8.14
N VAL A 29 -5.13 -19.00 7.74
CA VAL A 29 -3.72 -18.64 7.67
C VAL A 29 -3.51 -17.49 8.63
N ARG A 30 -2.59 -17.64 9.57
CA ARG A 30 -2.33 -16.56 10.52
C ARG A 30 -0.84 -16.26 10.54
N ARG A 31 -0.51 -14.98 10.71
CA ARG A 31 0.88 -14.63 10.95
C ARG A 31 1.29 -15.18 12.30
N CYS A 32 2.59 -15.45 12.45
CA CYS A 32 3.11 -15.98 13.69
C CYS A 32 4.60 -15.72 13.77
N MET A 33 5.12 -15.75 15.01
CA MET A 33 6.53 -15.57 15.28
C MET A 33 7.08 -16.80 15.98
N LYS A 34 8.30 -17.20 15.62
CA LYS A 34 8.98 -18.25 16.34
C LYS A 34 9.58 -17.64 17.61
N ILE A 35 9.18 -18.18 18.77
CA ILE A 35 9.62 -17.62 20.05
C ILE A 35 11.15 -17.62 20.20
N PRO A 36 11.89 -18.69 19.85
CA PRO A 36 13.36 -18.61 19.96
C PRO A 36 14.01 -17.58 19.04
N THR A 37 13.76 -17.66 17.74
CA THR A 37 14.50 -16.83 16.80
C THR A 37 13.93 -15.43 16.64
N GLY A 38 12.64 -15.24 16.94
CA GLY A 38 11.97 -14.00 16.60
C GLY A 38 11.60 -13.86 15.14
N GLN A 39 11.93 -14.85 14.30
CA GLN A 39 11.56 -14.79 12.90
C GLN A 39 10.06 -15.04 12.72
N GLU A 40 9.50 -14.39 11.72
CA GLU A 40 8.05 -14.34 11.52
C GLU A 40 7.69 -15.24 10.35
N TYR A 41 6.57 -15.96 10.50
CA TYR A 41 6.13 -16.92 9.51
C TYR A 41 4.64 -16.74 9.28
N ALA A 42 4.15 -17.43 8.27
CA ALA A 42 2.73 -17.59 8.02
C ALA A 42 2.36 -19.03 8.32
N ALA A 43 1.35 -19.24 9.16
CA ALA A 43 0.94 -20.59 9.55
C ALA A 43 -0.40 -20.89 8.91
N LYS A 44 -0.48 -21.98 8.15
CA LYS A 44 -1.75 -22.48 7.65
C LYS A 44 -2.24 -23.56 8.61
N ILE A 45 -3.42 -23.34 9.18
CA ILE A 45 -3.94 -24.14 10.29
C ILE A 45 -5.14 -24.93 9.79
N ILE A 46 -5.05 -26.25 9.86
CA ILE A 46 -6.09 -27.14 9.38
C ILE A 46 -6.62 -27.98 10.54
N ASN A 47 -7.94 -28.02 10.68
CA ASN A 47 -8.59 -28.90 11.67
C ASN A 47 -8.54 -30.34 11.18
N THR A 48 -7.84 -31.20 11.92
CA THR A 48 -7.71 -32.60 11.53
C THR A 48 -8.64 -33.53 12.30
N LYS A 49 -9.66 -33.01 12.98
CA LYS A 49 -10.55 -33.86 13.76
C LYS A 49 -11.61 -34.50 12.88
N LYS A 50 -11.78 -35.82 13.02
CA LYS A 50 -12.83 -36.59 12.37
C LYS A 50 -12.73 -36.55 10.84
N LEU A 51 -11.51 -36.40 10.31
CA LEU A 51 -11.32 -36.52 8.88
C LEU A 51 -11.47 -37.98 8.44
N SER A 52 -11.92 -38.16 7.20
CA SER A 52 -11.89 -39.47 6.60
C SER A 52 -10.47 -39.82 6.17
N ALA A 53 -10.28 -41.09 5.78
CA ALA A 53 -9.00 -41.48 5.22
C ALA A 53 -8.71 -40.73 3.92
N ARG A 54 -9.76 -40.35 3.18
CA ARG A 54 -9.57 -39.55 1.97
C ARG A 54 -9.01 -38.17 2.31
N ASP A 55 -9.52 -37.53 3.37
CA ASP A 55 -9.03 -36.21 3.75
C ASP A 55 -7.62 -36.27 4.32
N HIS A 56 -7.33 -37.29 5.12
CA HIS A 56 -5.96 -37.46 5.60
C HIS A 56 -5.00 -37.55 4.42
N GLN A 57 -5.39 -38.28 3.37
CA GLN A 57 -4.54 -38.37 2.18
C GLN A 57 -4.30 -36.99 1.57
N LYS A 58 -5.36 -36.22 1.38
CA LYS A 58 -5.21 -34.89 0.77
C LYS A 58 -4.32 -34.00 1.61
N LEU A 59 -4.42 -34.10 2.94
CA LEU A 59 -3.65 -33.21 3.79
C LEU A 59 -2.17 -33.61 3.83
N GLU A 60 -1.86 -34.91 3.91
CA GLU A 60 -0.46 -35.28 3.81
C GLU A 60 0.08 -35.06 2.40
N ARG A 61 -0.77 -35.10 1.38
CA ARG A 61 -0.29 -34.74 0.03
C ARG A 61 0.07 -33.25 -0.05
N GLU A 62 -0.82 -32.38 0.46
CA GLU A 62 -0.49 -30.96 0.52
C GLU A 62 0.84 -30.72 1.25
N ALA A 63 1.07 -31.41 2.37
CA ALA A 63 2.31 -31.19 3.10
C ALA A 63 3.51 -31.71 2.34
N ARG A 64 3.35 -32.83 1.63
CA ARG A 64 4.41 -33.39 0.79
C ARG A 64 4.74 -32.46 -0.38
N ILE A 65 3.72 -31.95 -1.06
CA ILE A 65 3.93 -31.04 -2.19
C ILE A 65 4.67 -29.79 -1.71
N CYS A 66 4.29 -29.24 -0.57
CA CYS A 66 4.91 -28.01 -0.10
C CYS A 66 6.35 -28.24 0.37
N ARG A 67 6.65 -29.43 0.90
CA ARG A 67 8.03 -29.73 1.27
C ARG A 67 8.92 -29.85 0.05
N LEU A 68 8.39 -30.36 -1.06
CA LEU A 68 9.22 -30.64 -2.21
C LEU A 68 9.58 -29.38 -2.98
N LEU A 69 8.65 -28.45 -3.13
CA LEU A 69 8.80 -27.28 -3.99
C LEU A 69 9.69 -26.25 -3.32
N LYS A 70 10.89 -26.05 -3.84
CA LYS A 70 11.86 -25.08 -3.34
C LYS A 70 12.26 -24.22 -4.53
N HIS A 71 11.75 -22.98 -4.59
CA HIS A 71 11.96 -22.15 -5.76
C HIS A 71 11.75 -20.70 -5.37
N PRO A 72 12.53 -19.76 -5.94
CA PRO A 72 12.41 -18.35 -5.51
C PRO A 72 11.07 -17.72 -5.80
N ASN A 73 10.19 -18.38 -6.57
CA ASN A 73 8.86 -17.87 -6.86
C ASN A 73 7.76 -18.73 -6.25
N ILE A 74 8.05 -19.52 -5.21
CA ILE A 74 7.04 -20.34 -4.57
C ILE A 74 7.19 -20.20 -3.06
N VAL A 75 6.07 -20.02 -2.35
CA VAL A 75 6.14 -19.86 -0.90
C VAL A 75 6.96 -21.00 -0.33
N ARG A 76 7.85 -20.70 0.62
CA ARG A 76 8.79 -21.69 1.10
C ARG A 76 8.31 -22.31 2.41
N LEU A 77 8.23 -23.64 2.46
CA LEU A 77 7.81 -24.32 3.68
C LEU A 77 8.96 -24.38 4.68
N HIS A 78 8.67 -23.98 5.92
CA HIS A 78 9.66 -24.03 7.00
C HIS A 78 9.46 -25.20 7.96
N ASP A 79 8.23 -25.64 8.20
CA ASP A 79 7.93 -26.79 9.06
C ASP A 79 6.49 -27.22 8.80
N SER A 80 6.24 -28.52 8.95
CA SER A 80 4.90 -29.10 8.95
C SER A 80 4.69 -29.80 10.30
N ILE A 81 3.81 -29.26 11.16
CA ILE A 81 3.67 -29.74 12.54
C ILE A 81 2.29 -30.34 12.77
N SER A 82 2.25 -31.59 13.23
CA SER A 82 0.99 -32.26 13.54
C SER A 82 0.78 -32.29 15.05
N GLU A 83 -0.17 -31.50 15.53
CA GLU A 83 -0.69 -31.59 16.89
C GLU A 83 -2.02 -32.32 16.89
N GLU A 84 -2.46 -32.76 18.06
CA GLU A 84 -3.73 -33.45 18.14
C GLU A 84 -4.85 -32.47 17.83
N GLY A 85 -5.69 -32.81 16.84
CA GLY A 85 -6.76 -31.93 16.42
C GLY A 85 -6.41 -30.94 15.33
N PHE A 86 -5.13 -30.60 15.14
CA PHE A 86 -4.75 -29.56 14.18
C PHE A 86 -3.44 -29.90 13.48
N HIS A 87 -3.34 -29.50 12.22
CA HIS A 87 -2.10 -29.52 11.45
C HIS A 87 -1.70 -28.09 11.10
N TYR A 88 -0.41 -27.79 11.24
CA TYR A 88 0.15 -26.48 10.93
C TYR A 88 1.17 -26.62 9.80
N LEU A 89 0.93 -25.91 8.70
CA LEU A 89 1.94 -25.74 7.67
C LEU A 89 2.51 -24.33 7.82
N VAL A 90 3.80 -24.25 8.13
CA VAL A 90 4.47 -23.00 8.49
C VAL A 90 5.38 -22.62 7.33
N PHE A 91 5.07 -21.49 6.68
CA PHE A 91 5.81 -20.98 5.53
C PHE A 91 6.52 -19.68 5.89
N ASP A 92 7.66 -19.43 5.24
CA ASP A 92 8.29 -18.13 5.38
C ASP A 92 7.27 -17.04 5.08
N LEU A 93 7.38 -15.91 5.77
CA LEU A 93 6.37 -14.87 5.66
C LEU A 93 6.75 -13.93 4.52
N VAL A 94 5.81 -13.69 3.62
CA VAL A 94 5.98 -12.71 2.56
C VAL A 94 5.06 -11.54 2.89
N THR A 95 5.59 -10.33 2.82
CA THR A 95 4.90 -9.15 3.35
C THR A 95 4.40 -8.19 2.28
N GLY A 96 4.61 -8.51 1.00
CA GLY A 96 4.30 -7.57 -0.06
C GLY A 96 2.86 -7.55 -0.54
N GLY A 97 1.98 -8.40 0.01
CA GLY A 97 0.57 -8.39 -0.37
C GLY A 97 0.33 -9.08 -1.70
N GLU A 98 -0.90 -8.91 -2.22
CA GLU A 98 -1.30 -9.57 -3.45
C GLU A 98 -0.69 -8.83 -4.64
N LEU A 99 -0.31 -9.60 -5.67
CA LEU A 99 0.24 -8.99 -6.89
C LEU A 99 -0.70 -7.93 -7.45
N PHE A 100 -1.97 -8.27 -7.63
CA PHE A 100 -2.90 -7.36 -8.29
C PHE A 100 -3.14 -6.07 -7.48
N GLU A 101 -3.00 -6.11 -6.15
CA GLU A 101 -3.14 -4.89 -5.36
C GLU A 101 -1.90 -4.02 -5.42
N ASP A 102 -0.72 -4.61 -5.64
CA ASP A 102 0.47 -3.81 -5.87
C ASP A 102 0.43 -3.14 -7.25
N ILE A 103 -0.14 -3.80 -8.25
CA ILE A 103 -0.14 -3.20 -9.61
C ILE A 103 -0.98 -1.94 -9.65
N VAL A 104 -2.16 -1.96 -9.01
CA VAL A 104 -3.04 -0.79 -9.05
C VAL A 104 -2.51 0.38 -8.24
N ALA A 105 -1.42 0.18 -7.51
CA ALA A 105 -0.78 1.26 -6.75
C ALA A 105 0.43 1.84 -7.49
N ARG A 106 0.75 1.28 -8.65
CA ARG A 106 1.88 1.77 -9.40
C ARG A 106 1.48 2.99 -10.21
N GLU A 107 2.41 3.93 -10.34
CA GLU A 107 2.17 5.07 -11.20
C GLU A 107 2.70 4.84 -12.60
N TYR A 108 3.55 3.83 -12.80
CA TYR A 108 4.01 3.44 -14.11
C TYR A 108 3.87 1.94 -14.23
N TYR A 109 3.08 1.49 -15.20
CA TYR A 109 2.82 0.07 -15.38
C TYR A 109 2.68 -0.22 -16.87
N SER A 110 3.59 -1.01 -17.41
CA SER A 110 3.69 -1.23 -18.84
C SER A 110 3.67 -2.73 -19.15
N GLU A 111 3.62 -3.05 -20.44
CA GLU A 111 3.76 -4.43 -20.91
C GLU A 111 5.07 -5.06 -20.44
N ALA A 112 6.13 -4.27 -20.33
CA ALA A 112 7.39 -4.82 -19.83
C ALA A 112 7.24 -5.25 -18.37
N ASP A 113 6.45 -4.52 -17.59
CA ASP A 113 6.22 -4.97 -16.21
C ASP A 113 5.28 -6.16 -16.17
N ALA A 114 4.23 -6.16 -17.01
CA ALA A 114 3.39 -7.35 -17.12
C ALA A 114 4.22 -8.56 -17.48
N SER A 115 5.07 -8.43 -18.51
CA SER A 115 5.93 -9.54 -18.92
C SER A 115 6.84 -10.00 -17.79
N HIS A 116 7.37 -9.05 -17.01
CA HIS A 116 8.20 -9.40 -15.86
C HIS A 116 7.41 -10.25 -14.87
N CYS A 117 6.17 -9.86 -14.59
CA CYS A 117 5.33 -10.60 -13.65
C CYS A 117 5.00 -11.97 -14.19
N ILE A 118 4.59 -12.05 -15.46
CA ILE A 118 4.19 -13.34 -15.97
C ILE A 118 5.41 -14.24 -16.12
N GLN A 119 6.61 -13.67 -16.28
CA GLN A 119 7.79 -14.51 -16.37
C GLN A 119 8.05 -15.21 -15.02
N GLN A 120 7.86 -14.50 -13.92
CA GLN A 120 8.03 -15.13 -12.61
C GLN A 120 6.94 -16.16 -12.35
N ILE A 121 5.68 -15.80 -12.58
CA ILE A 121 4.60 -16.78 -12.53
C ILE A 121 4.95 -18.02 -13.34
N LEU A 122 5.46 -17.81 -14.58
CA LEU A 122 5.78 -18.94 -15.45
C LEU A 122 6.93 -19.78 -14.90
N GLU A 123 7.97 -19.13 -14.36
CA GLU A 123 9.05 -19.89 -13.72
C GLU A 123 8.50 -20.81 -12.64
N SER A 124 7.49 -20.36 -11.90
CA SER A 124 7.00 -21.17 -10.79
C SER A 124 6.09 -22.30 -11.29
N VAL A 125 5.19 -22.00 -12.23
CA VAL A 125 4.40 -23.06 -12.86
C VAL A 125 5.33 -24.06 -13.52
N ASN A 126 6.44 -23.60 -14.06
CA ASN A 126 7.41 -24.50 -14.66
C ASN A 126 7.99 -25.43 -13.60
N HIS A 127 8.48 -24.85 -12.50
CA HIS A 127 9.09 -25.65 -11.43
C HIS A 127 8.12 -26.68 -10.87
N CYS A 128 6.84 -26.31 -10.71
CA CYS A 128 5.83 -27.29 -10.30
C CYS A 128 5.77 -28.44 -11.30
N HIS A 129 5.70 -28.10 -12.59
CA HIS A 129 5.51 -29.11 -13.62
C HIS A 129 6.72 -30.03 -13.75
N LEU A 130 7.94 -29.50 -13.54
CA LEU A 130 9.12 -30.35 -13.54
C LEU A 130 9.10 -31.34 -12.40
N ASN A 131 8.50 -30.96 -11.28
CA ASN A 131 8.33 -31.86 -10.15
C ASN A 131 7.00 -32.60 -10.20
N GLY A 132 6.32 -32.58 -11.34
CA GLY A 132 5.09 -33.34 -11.49
C GLY A 132 3.96 -32.92 -10.57
N ILE A 133 3.78 -31.61 -10.38
CA ILE A 133 2.70 -31.09 -9.56
C ILE A 133 1.88 -30.13 -10.42
N VAL A 134 0.58 -30.37 -10.49
CA VAL A 134 -0.36 -29.48 -11.15
C VAL A 134 -1.09 -28.68 -10.09
N HIS A 135 -1.05 -27.35 -10.22
CA HIS A 135 -1.57 -26.54 -9.14
C HIS A 135 -3.10 -26.52 -9.14
N ARG A 136 -3.71 -26.35 -10.31
CA ARG A 136 -5.15 -26.47 -10.59
C ARG A 136 -5.98 -25.27 -10.11
N ASP A 137 -5.40 -24.29 -9.45
CA ASP A 137 -6.19 -23.14 -9.03
C ASP A 137 -5.32 -21.87 -9.04
N LEU A 138 -4.63 -21.64 -10.16
CA LEU A 138 -3.94 -20.37 -10.34
C LEU A 138 -4.98 -19.28 -10.42
N LYS A 139 -4.75 -18.20 -9.70
CA LYS A 139 -5.71 -17.10 -9.60
C LYS A 139 -5.05 -15.97 -8.84
N PRO A 140 -5.54 -14.74 -9.00
CA PRO A 140 -4.84 -13.59 -8.41
C PRO A 140 -4.63 -13.72 -6.91
N GLU A 141 -5.57 -14.31 -6.18
CA GLU A 141 -5.42 -14.40 -4.72
C GLU A 141 -4.27 -15.31 -4.33
N ASN A 142 -3.82 -16.16 -5.24
CA ASN A 142 -2.73 -17.08 -4.98
C ASN A 142 -1.39 -16.54 -5.44
N LEU A 143 -1.32 -15.26 -5.79
CA LEU A 143 -0.10 -14.64 -6.30
C LEU A 143 0.33 -13.56 -5.33
N LEU A 144 1.20 -13.92 -4.41
CA LEU A 144 1.71 -12.96 -3.44
C LEU A 144 3.02 -12.36 -3.92
N LEU A 145 3.45 -11.30 -3.23
CA LEU A 145 4.67 -10.58 -3.56
C LEU A 145 5.59 -10.53 -2.36
N ALA A 146 6.86 -10.84 -2.57
CA ALA A 146 7.84 -10.58 -1.53
C ALA A 146 7.97 -9.07 -1.31
N SER A 147 8.50 -8.69 -0.15
CA SER A 147 8.68 -7.28 0.17
C SER A 147 9.55 -6.59 -0.89
N LYS A 148 9.22 -5.32 -1.19
CA LYS A 148 10.10 -4.52 -2.04
C LYS A 148 11.52 -4.50 -1.48
N SER A 149 11.65 -4.64 -0.16
CA SER A 149 12.97 -4.63 0.44
C SER A 149 13.78 -5.89 0.13
N LYS A 150 13.11 -6.98 -0.27
CA LYS A 150 13.78 -8.26 -0.51
C LYS A 150 13.80 -8.67 -1.98
N GLY A 151 13.31 -7.82 -2.88
CA GLY A 151 13.35 -8.09 -4.31
C GLY A 151 12.01 -8.11 -5.01
N ALA A 152 10.91 -8.14 -4.26
CA ALA A 152 9.55 -8.09 -4.79
C ALA A 152 9.26 -9.22 -5.78
N ALA A 153 9.93 -10.36 -5.64
CA ALA A 153 9.60 -11.52 -6.46
C ALA A 153 8.15 -11.96 -6.22
N VAL A 154 7.53 -12.48 -7.29
CA VAL A 154 6.19 -13.07 -7.17
C VAL A 154 6.29 -14.43 -6.49
N LYS A 155 5.32 -14.74 -5.63
CA LYS A 155 5.28 -16.00 -4.89
C LYS A 155 3.97 -16.72 -5.19
N LEU A 156 4.05 -17.90 -5.79
CA LEU A 156 2.89 -18.76 -5.91
C LEU A 156 2.55 -19.38 -4.55
N ALA A 157 1.27 -19.36 -4.17
CA ALA A 157 0.85 -19.86 -2.86
C ALA A 157 -0.31 -20.83 -2.97
N ASP A 158 -0.49 -21.60 -1.89
CA ASP A 158 -1.63 -22.48 -1.65
C ASP A 158 -1.65 -23.65 -2.62
N PHE A 159 -1.10 -24.77 -2.20
CA PHE A 159 -1.13 -25.99 -2.98
C PHE A 159 -2.18 -26.97 -2.47
N GLY A 160 -3.20 -26.46 -1.76
CA GLY A 160 -4.25 -27.29 -1.21
C GLY A 160 -5.03 -28.07 -2.24
N LEU A 161 -5.09 -27.59 -3.48
CA LEU A 161 -5.80 -28.30 -4.53
C LEU A 161 -4.86 -28.95 -5.53
N ALA A 162 -3.56 -28.80 -5.33
CA ALA A 162 -2.58 -29.37 -6.25
C ALA A 162 -2.68 -30.89 -6.29
N ILE A 163 -2.24 -31.46 -7.40
CA ILE A 163 -2.15 -32.90 -7.56
C ILE A 163 -0.74 -33.25 -8.02
N GLU A 164 -0.35 -34.49 -7.77
CA GLU A 164 0.89 -35.06 -8.25
C GLU A 164 0.60 -35.89 -9.49
N VAL A 165 1.32 -35.63 -10.58
CA VAL A 165 1.19 -36.37 -11.83
C VAL A 165 2.49 -37.08 -12.12
N GLN A 166 2.41 -38.20 -12.82
CA GLN A 166 3.59 -38.95 -13.21
C GLN A 166 3.84 -38.72 -14.69
N GLY A 167 4.94 -38.07 -15.04
CA GLY A 167 5.19 -37.79 -16.45
C GLY A 167 4.05 -36.99 -17.06
N ASP A 168 3.55 -37.44 -18.21
CA ASP A 168 2.38 -36.81 -18.82
C ASP A 168 1.11 -37.65 -18.67
N GLN A 169 1.06 -38.53 -17.67
CA GLN A 169 -0.18 -39.23 -17.36
C GLN A 169 -1.30 -38.24 -17.14
N GLN A 170 -2.33 -38.34 -17.96
CA GLN A 170 -3.48 -37.45 -17.89
C GLN A 170 -4.71 -38.28 -17.57
N ALA A 171 -5.60 -37.70 -16.78
CA ALA A 171 -6.83 -38.37 -16.37
C ALA A 171 -7.80 -37.31 -15.90
N TRP A 172 -9.01 -37.75 -15.58
CA TRP A 172 -9.99 -36.87 -14.96
C TRP A 172 -9.75 -36.93 -13.46
N PHE A 173 -8.98 -35.97 -12.95
CA PHE A 173 -8.74 -35.83 -11.51
C PHE A 173 -9.81 -35.02 -10.82
N GLY A 174 -11.04 -35.08 -11.27
CA GLY A 174 -12.12 -34.39 -10.61
C GLY A 174 -12.15 -32.90 -10.89
N PHE A 175 -13.30 -32.32 -10.63
CA PHE A 175 -13.46 -30.89 -10.76
C PHE A 175 -12.65 -30.18 -9.68
N ALA A 176 -11.93 -29.14 -10.08
CA ALA A 176 -11.29 -28.23 -9.14
C ALA A 176 -10.89 -27.00 -9.92
N GLY A 177 -11.01 -25.84 -9.28
CA GLY A 177 -10.71 -24.59 -9.95
C GLY A 177 -11.71 -23.50 -9.66
N THR A 178 -11.41 -22.31 -10.12
CA THR A 178 -12.23 -21.12 -9.94
C THR A 178 -12.83 -20.72 -11.28
N PRO A 179 -14.13 -20.42 -11.33
CA PRO A 179 -14.85 -20.45 -12.62
C PRO A 179 -14.22 -19.64 -13.76
N GLY A 180 -13.82 -18.40 -13.50
CA GLY A 180 -13.24 -17.59 -14.56
C GLY A 180 -11.94 -18.13 -15.13
N TYR A 181 -11.27 -19.04 -14.42
CA TYR A 181 -9.95 -19.53 -14.81
C TYR A 181 -9.99 -20.99 -15.26
N LEU A 182 -11.18 -21.58 -15.36
CA LEU A 182 -11.28 -23.00 -15.66
C LEU A 182 -10.98 -23.25 -17.13
N SER A 183 -10.18 -24.29 -17.40
CA SER A 183 -9.83 -24.68 -18.74
C SER A 183 -11.01 -25.38 -19.41
N PRO A 184 -11.05 -25.39 -20.75
CA PRO A 184 -12.15 -26.09 -21.43
C PRO A 184 -12.17 -27.58 -21.19
N GLU A 185 -11.01 -28.23 -21.04
CA GLU A 185 -11.04 -29.67 -20.83
C GLU A 185 -11.65 -30.03 -19.48
N VAL A 186 -11.43 -29.20 -18.44
CA VAL A 186 -12.06 -29.48 -17.15
C VAL A 186 -13.57 -29.32 -17.23
N LEU A 187 -14.03 -28.32 -17.99
CA LEU A 187 -15.45 -28.08 -18.15
C LEU A 187 -16.13 -29.16 -18.99
N ARG A 188 -15.37 -29.87 -19.83
CA ARG A 188 -15.91 -30.98 -20.57
C ARG A 188 -15.81 -32.30 -19.81
N LYS A 189 -15.30 -32.28 -18.59
CA LYS A 189 -15.01 -33.49 -17.82
C LYS A 189 -14.02 -34.40 -18.54
N ASP A 190 -13.25 -33.85 -19.47
CA ASP A 190 -12.24 -34.62 -20.19
C ASP A 190 -10.98 -34.80 -19.34
N PRO A 191 -10.18 -35.81 -19.64
CA PRO A 191 -8.90 -35.98 -18.92
C PRO A 191 -8.00 -34.76 -19.11
N TYR A 192 -7.34 -34.36 -18.02
CA TYR A 192 -6.52 -33.17 -18.09
C TYR A 192 -5.19 -33.38 -17.37
N GLY A 193 -4.32 -32.39 -17.49
CA GLY A 193 -3.02 -32.41 -16.83
C GLY A 193 -2.41 -31.04 -16.66
N LYS A 194 -1.08 -30.97 -16.80
CA LYS A 194 -0.37 -29.71 -16.65
C LYS A 194 -0.94 -28.56 -17.49
N PRO A 195 -1.45 -28.76 -18.72
CA PRO A 195 -1.94 -27.62 -19.51
C PRO A 195 -2.99 -26.75 -18.84
N VAL A 196 -3.69 -27.26 -17.82
CA VAL A 196 -4.73 -26.44 -17.18
C VAL A 196 -4.10 -25.26 -16.43
N ASP A 197 -2.84 -25.39 -16.03
CA ASP A 197 -2.15 -24.28 -15.40
C ASP A 197 -1.72 -23.26 -16.43
N MET A 198 -1.42 -23.70 -17.65
CA MET A 198 -1.07 -22.77 -18.71
C MET A 198 -2.29 -22.03 -19.23
N TRP A 199 -3.46 -22.67 -19.25
CA TRP A 199 -4.68 -21.94 -19.58
C TRP A 199 -4.91 -20.79 -18.61
N ALA A 200 -4.85 -21.10 -17.29
CA ALA A 200 -5.02 -20.09 -16.26
C ALA A 200 -3.98 -18.98 -16.38
N CYS A 201 -2.72 -19.33 -16.69
CA CYS A 201 -1.71 -18.31 -16.94
C CYS A 201 -2.08 -17.38 -18.10
N GLY A 202 -2.87 -17.88 -19.07
CA GLY A 202 -3.30 -17.01 -20.17
C GLY A 202 -4.40 -16.05 -19.75
N VAL A 203 -5.29 -16.51 -18.88
CA VAL A 203 -6.32 -15.62 -18.32
C VAL A 203 -5.67 -14.54 -17.47
N ILE A 204 -4.64 -14.90 -16.71
CA ILE A 204 -3.95 -13.93 -15.86
C ILE A 204 -3.17 -12.95 -16.72
N LEU A 205 -2.40 -13.45 -17.69
CA LEU A 205 -1.76 -12.56 -18.67
C LEU A 205 -2.76 -11.59 -19.28
N TYR A 206 -3.88 -12.09 -19.77
CA TYR A 206 -4.90 -11.22 -20.35
C TYR A 206 -5.27 -10.09 -19.40
N ILE A 207 -5.66 -10.46 -18.16
CA ILE A 207 -6.09 -9.47 -17.18
C ILE A 207 -4.95 -8.52 -16.85
N LEU A 208 -3.73 -9.04 -16.78
CA LEU A 208 -2.57 -8.20 -16.55
C LEU A 208 -2.40 -7.13 -17.65
N LEU A 209 -2.89 -7.37 -18.86
CA LEU A 209 -2.71 -6.37 -19.91
C LEU A 209 -3.82 -5.33 -19.94
N VAL A 210 -5.08 -5.72 -19.70
CA VAL A 210 -6.19 -4.78 -19.86
C VAL A 210 -7.00 -4.54 -18.58
N GLY A 211 -6.84 -5.38 -17.54
CA GLY A 211 -7.54 -5.13 -16.30
C GLY A 211 -8.92 -5.72 -16.18
N TYR A 212 -9.31 -6.57 -17.13
CA TYR A 212 -10.60 -7.26 -17.11
C TYR A 212 -10.39 -8.63 -17.72
N PRO A 213 -11.30 -9.58 -17.48
CA PRO A 213 -11.02 -10.98 -17.86
C PRO A 213 -11.42 -11.26 -19.30
N PRO A 214 -10.82 -12.27 -19.93
CA PRO A 214 -11.15 -12.58 -21.33
C PRO A 214 -12.50 -13.24 -21.52
N PHE A 215 -12.96 -14.00 -20.52
CA PHE A 215 -14.25 -14.67 -20.52
C PHE A 215 -15.07 -14.15 -19.34
N TRP A 216 -16.29 -13.73 -19.61
CA TRP A 216 -17.08 -13.08 -18.57
C TRP A 216 -18.54 -13.10 -18.96
N ASP A 217 -19.38 -13.56 -18.05
CA ASP A 217 -20.82 -13.40 -18.15
C ASP A 217 -21.38 -13.43 -16.74
N GLU A 218 -22.40 -12.61 -16.49
CA GLU A 218 -23.10 -12.69 -15.23
C GLU A 218 -23.83 -14.02 -15.06
N ASP A 219 -24.11 -14.72 -16.17
CA ASP A 219 -24.70 -16.05 -16.13
C ASP A 219 -23.56 -17.05 -16.26
N GLN A 220 -23.25 -17.73 -15.15
CA GLN A 220 -22.10 -18.63 -15.12
C GLN A 220 -22.20 -19.71 -16.20
N HIS A 221 -23.41 -20.16 -16.52
CA HIS A 221 -23.52 -21.14 -17.59
C HIS A 221 -23.10 -20.55 -18.93
N ARG A 222 -23.46 -19.28 -19.19
CA ARG A 222 -22.98 -18.65 -20.42
C ARG A 222 -21.48 -18.39 -20.35
N LEU A 223 -20.95 -18.08 -19.17
CA LEU A 223 -19.51 -18.01 -18.99
C LEU A 223 -18.86 -19.31 -19.44
N TYR A 224 -19.42 -20.46 -19.01
CA TYR A 224 -18.80 -21.73 -19.32
C TYR A 224 -18.83 -22.04 -20.83
N GLN A 225 -19.93 -21.69 -21.51
CA GLN A 225 -20.00 -21.91 -22.95
C GLN A 225 -18.98 -21.05 -23.69
N GLN A 226 -18.77 -19.82 -23.22
CA GLN A 226 -17.78 -18.97 -23.85
C GLN A 226 -16.37 -19.53 -23.67
N ILE A 227 -16.08 -20.07 -22.48
CA ILE A 227 -14.78 -20.67 -22.23
C ILE A 227 -14.56 -21.87 -23.13
N LYS A 228 -15.58 -22.71 -23.26
CA LYS A 228 -15.45 -23.97 -24.00
C LYS A 228 -15.24 -23.70 -25.48
N ALA A 229 -15.77 -22.59 -25.99
CA ALA A 229 -15.52 -22.18 -27.35
C ALA A 229 -14.18 -21.47 -27.51
N GLY A 230 -13.51 -21.13 -26.42
CA GLY A 230 -12.29 -20.32 -26.51
C GLY A 230 -12.51 -18.93 -27.08
N ALA A 231 -13.71 -18.38 -26.96
CA ALA A 231 -14.07 -17.16 -27.68
C ALA A 231 -13.78 -15.92 -26.83
N TYR A 232 -12.52 -15.51 -26.82
CA TYR A 232 -12.09 -14.22 -26.31
C TYR A 232 -11.75 -13.29 -27.48
N ASP A 233 -11.65 -11.98 -27.17
CA ASP A 233 -11.41 -10.93 -28.16
C ASP A 233 -10.25 -10.05 -27.69
N PHE A 234 -9.73 -9.25 -28.63
CA PHE A 234 -8.82 -8.14 -28.33
C PHE A 234 -9.46 -6.85 -28.82
N PRO A 235 -10.53 -6.38 -28.16
CA PRO A 235 -11.29 -5.25 -28.71
C PRO A 235 -10.54 -3.94 -28.68
N SER A 236 -10.76 -3.14 -29.72
CA SER A 236 -10.33 -1.76 -29.72
C SER A 236 -11.18 -0.95 -28.76
N PRO A 237 -10.63 0.12 -28.18
CA PRO A 237 -9.28 0.65 -28.44
C PRO A 237 -8.17 0.08 -27.58
N GLU A 238 -8.47 -0.42 -26.38
CA GLU A 238 -7.42 -0.76 -25.44
C GLU A 238 -6.40 -1.74 -26.02
N TRP A 239 -6.87 -2.72 -26.81
CA TRP A 239 -5.89 -3.68 -27.36
C TRP A 239 -5.08 -3.13 -28.52
N ASP A 240 -5.43 -1.95 -29.05
CA ASP A 240 -4.73 -1.46 -30.24
C ASP A 240 -3.29 -1.07 -29.94
N THR A 241 -2.99 -0.69 -28.70
CA THR A 241 -1.65 -0.31 -28.29
C THR A 241 -0.82 -1.49 -27.76
N VAL A 242 -1.39 -2.68 -27.73
CA VAL A 242 -0.70 -3.85 -27.19
C VAL A 242 0.07 -4.52 -28.33
N THR A 243 1.31 -4.92 -28.06
CA THR A 243 2.13 -5.47 -29.13
C THR A 243 1.55 -6.79 -29.63
N PRO A 244 1.81 -7.13 -30.90
CA PRO A 244 1.33 -8.41 -31.42
C PRO A 244 2.01 -9.61 -30.78
N GLU A 245 3.22 -9.44 -30.26
CA GLU A 245 3.89 -10.56 -29.62
C GLU A 245 3.21 -10.92 -28.30
N ALA A 246 2.73 -9.91 -27.57
CA ALA A 246 1.98 -10.18 -26.34
C ALA A 246 0.64 -10.85 -26.65
N LYS A 247 -0.03 -10.40 -27.71
CA LYS A 247 -1.26 -11.05 -28.16
C LYS A 247 -0.99 -12.46 -28.64
N ASP A 248 0.23 -12.72 -29.13
CA ASP A 248 0.53 -14.04 -29.65
C ASP A 248 0.71 -15.05 -28.53
N LEU A 249 1.37 -14.63 -27.44
CA LEU A 249 1.53 -15.49 -26.27
C LEU A 249 0.17 -15.87 -25.65
N ILE A 250 -0.73 -14.89 -25.53
CA ILE A 250 -2.08 -15.21 -25.05
C ILE A 250 -2.74 -16.25 -25.96
N ASN A 251 -2.65 -16.03 -27.28
CA ASN A 251 -3.21 -16.97 -28.23
C ASN A 251 -2.69 -18.39 -28.00
N LYS A 252 -1.38 -18.54 -27.78
CA LYS A 252 -0.82 -19.87 -27.56
C LYS A 252 -1.19 -20.42 -26.17
N MET A 253 -1.44 -19.55 -25.19
CA MET A 253 -1.85 -20.05 -23.87
C MET A 253 -3.34 -20.37 -23.84
N LEU A 254 -4.16 -19.66 -24.62
CA LEU A 254 -5.60 -19.84 -24.60
C LEU A 254 -6.10 -20.67 -25.79
N THR A 255 -5.41 -21.73 -26.17
CA THR A 255 -5.87 -22.65 -27.20
C THR A 255 -6.70 -23.74 -26.56
N ILE A 256 -7.89 -24.00 -27.10
CA ILE A 256 -8.76 -24.97 -26.46
C ILE A 256 -8.27 -26.39 -26.66
N ASN A 257 -7.38 -26.63 -27.61
CA ASN A 257 -6.77 -27.95 -27.71
C ASN A 257 -5.59 -28.03 -26.74
N PRO A 258 -5.70 -28.82 -25.66
CA PRO A 258 -4.62 -28.83 -24.66
C PRO A 258 -3.33 -29.44 -25.15
N ALA A 259 -3.38 -30.36 -26.12
CA ALA A 259 -2.15 -30.89 -26.70
C ALA A 259 -1.35 -29.79 -27.40
N LYS A 260 -2.03 -28.84 -28.02
CA LYS A 260 -1.36 -27.79 -28.79
C LYS A 260 -1.06 -26.55 -27.93
N ARG A 261 -1.59 -26.49 -26.71
CA ARG A 261 -1.34 -25.36 -25.82
C ARG A 261 0.14 -25.24 -25.51
N ILE A 262 0.65 -24.01 -25.43
CA ILE A 262 2.06 -23.83 -25.14
C ILE A 262 2.35 -24.27 -23.70
N THR A 263 3.54 -24.80 -23.47
CA THR A 263 3.96 -25.22 -22.14
C THR A 263 4.74 -24.11 -21.45
N ALA A 264 4.97 -24.29 -20.15
CA ALA A 264 5.61 -23.27 -19.33
C ALA A 264 7.04 -22.99 -19.78
N SER A 265 7.83 -24.04 -20.00
CA SER A 265 9.20 -23.79 -20.44
C SER A 265 9.24 -23.27 -21.87
N GLU A 266 8.29 -23.70 -22.73
CA GLU A 266 8.21 -23.10 -24.07
C GLU A 266 7.82 -21.63 -23.99
N ALA A 267 6.92 -21.28 -23.07
CA ALA A 267 6.53 -19.88 -22.93
C ALA A 267 7.64 -19.05 -22.34
N LEU A 268 8.58 -19.65 -21.61
CA LEU A 268 9.72 -18.89 -21.12
C LEU A 268 10.70 -18.57 -22.23
N LYS A 269 10.52 -19.13 -23.42
CA LYS A 269 11.34 -18.86 -24.60
C LYS A 269 10.63 -17.97 -25.62
N HIS A 270 9.40 -17.55 -25.35
CA HIS A 270 8.69 -16.64 -26.25
C HIS A 270 9.37 -15.28 -26.22
N PRO A 271 9.54 -14.63 -27.38
CA PRO A 271 10.30 -13.36 -27.41
C PRO A 271 9.73 -12.29 -26.49
N TRP A 272 8.42 -12.28 -26.26
CA TRP A 272 7.83 -11.29 -25.38
C TRP A 272 8.24 -11.49 -23.91
N ILE A 273 8.67 -12.71 -23.55
CA ILE A 273 9.19 -12.99 -22.20
C ILE A 273 10.70 -12.84 -22.13
N CYS A 274 11.43 -13.52 -23.01
CA CYS A 274 12.88 -13.55 -22.86
C CYS A 274 13.59 -12.46 -23.65
N GLN A 275 12.87 -11.68 -24.47
CA GLN A 275 13.46 -10.52 -25.14
C GLN A 275 12.67 -9.26 -24.76
N ARG A 276 12.51 -9.06 -23.44
CA ARG A 276 11.55 -8.08 -22.93
C ARG A 276 11.88 -6.66 -23.38
N SER A 277 13.16 -6.27 -23.26
CA SER A 277 13.56 -4.88 -23.53
C SER A 277 13.29 -4.48 -24.98
N THR A 278 13.31 -5.44 -25.89
CA THR A 278 13.17 -5.10 -27.30
C THR A 278 11.78 -5.39 -27.86
N VAL A 279 10.97 -6.19 -27.16
CA VAL A 279 9.73 -6.71 -27.73
C VAL A 279 8.50 -6.15 -27.03
N ALA A 280 8.52 -6.07 -25.70
CA ALA A 280 7.36 -5.61 -24.95
C ALA A 280 7.27 -4.09 -24.96
N SER A 281 6.07 -3.57 -25.12
CA SER A 281 5.85 -2.14 -25.07
C SER A 281 6.19 -1.57 -23.69
N MET A 282 6.74 -0.35 -23.68
CA MET A 282 7.09 0.33 -22.44
C MET A 282 6.21 1.56 -22.17
N MET A 283 5.11 1.75 -22.89
CA MET A 283 4.18 2.81 -22.51
C MET A 283 3.39 2.43 -21.26
N HIS A 284 3.19 3.40 -20.38
CA HIS A 284 2.25 3.26 -19.27
C HIS A 284 0.85 2.98 -19.80
N ARG A 285 0.13 2.08 -19.13
CA ARG A 285 -1.21 1.67 -19.53
C ARG A 285 -2.17 2.06 -18.41
N GLN A 286 -2.56 3.35 -18.38
CA GLN A 286 -3.38 3.82 -17.27
C GLN A 286 -4.75 3.20 -17.28
N GLU A 287 -5.28 2.85 -18.47
CA GLU A 287 -6.60 2.24 -18.52
C GLU A 287 -6.59 0.84 -17.90
N THR A 288 -5.45 0.15 -17.92
CA THR A 288 -5.34 -1.14 -17.26
C THR A 288 -5.39 -0.98 -15.73
N VAL A 289 -4.65 0.01 -15.21
CA VAL A 289 -4.71 0.31 -13.78
C VAL A 289 -6.13 0.55 -13.33
N ASP A 290 -6.87 1.38 -14.06
CA ASP A 290 -8.23 1.71 -13.65
C ASP A 290 -9.17 0.51 -13.73
N CYS A 291 -9.11 -0.25 -14.83
CA CYS A 291 -9.97 -1.43 -14.92
C CYS A 291 -9.66 -2.45 -13.84
N LEU A 292 -8.38 -2.54 -13.45
CA LEU A 292 -7.96 -3.53 -12.48
C LEU A 292 -8.46 -3.17 -11.09
N LYS A 293 -8.49 -1.88 -10.78
CA LYS A 293 -9.13 -1.42 -9.57
C LYS A 293 -10.57 -1.93 -9.49
N LYS A 294 -11.33 -1.76 -10.58
CA LYS A 294 -12.68 -2.31 -10.61
C LYS A 294 -12.66 -3.82 -10.57
N PHE A 295 -11.64 -4.45 -11.17
CA PHE A 295 -11.56 -5.91 -11.11
C PHE A 295 -11.33 -6.39 -9.69
N ASN A 296 -10.37 -5.75 -9.00
CA ASN A 296 -10.04 -6.13 -7.62
C ASN A 296 -11.22 -5.90 -6.67
N ALA A 297 -11.98 -4.84 -6.89
CA ALA A 297 -13.11 -4.52 -6.03
C ALA A 297 -14.20 -5.57 -6.16
N ARG A 298 -14.53 -5.94 -7.40
CA ARG A 298 -15.56 -6.95 -7.60
C ARG A 298 -15.18 -8.27 -6.92
N ARG A 299 -13.90 -8.66 -7.01
CA ARG A 299 -13.51 -9.97 -6.48
C ARG A 299 -13.49 -9.97 -4.96
N LYS A 300 -13.27 -8.81 -4.35
CA LYS A 300 -13.47 -8.68 -2.91
C LYS A 300 -14.93 -8.88 -2.52
N LEU A 301 -15.83 -8.79 -3.50
CA LEU A 301 -17.29 -8.77 -3.33
C LEU A 301 -17.74 -7.44 -2.73
N CYS B 8 -4.03 30.33 -20.06
CA CYS B 8 -4.80 31.56 -19.93
C CYS B 8 -3.98 32.67 -19.29
N THR B 9 -4.68 33.67 -18.72
CA THR B 9 -4.02 34.84 -18.15
C THR B 9 -4.60 35.24 -16.79
N ARG B 10 -5.47 34.41 -16.21
CA ARG B 10 -6.31 34.88 -15.11
C ARG B 10 -5.48 35.36 -13.92
N PHE B 11 -4.30 34.79 -13.70
CA PHE B 11 -3.52 35.18 -12.53
C PHE B 11 -2.86 36.54 -12.73
N THR B 12 -1.97 36.65 -13.72
CA THR B 12 -1.28 37.91 -13.93
C THR B 12 -2.24 39.05 -14.23
N ASP B 13 -3.41 38.75 -14.79
CA ASP B 13 -4.38 39.81 -15.03
C ASP B 13 -4.99 40.33 -13.73
N GLU B 14 -5.19 39.45 -12.73
CA GLU B 14 -5.96 39.82 -11.54
C GLU B 14 -5.21 39.75 -10.21
N TYR B 15 -3.92 39.41 -10.21
CA TYR B 15 -3.19 39.25 -8.96
C TYR B 15 -1.88 40.01 -8.99
N GLN B 16 -1.48 40.52 -7.83
CA GLN B 16 -0.18 41.13 -7.62
C GLN B 16 0.63 40.24 -6.68
N LEU B 17 1.88 39.99 -7.03
CA LEU B 17 2.76 39.09 -6.30
C LEU B 17 3.62 39.87 -5.32
N PHE B 18 3.59 39.47 -4.05
CA PHE B 18 4.42 40.17 -3.08
C PHE B 18 5.48 39.26 -2.50
N GLU B 19 5.73 39.41 -1.20
CA GLU B 19 6.72 38.66 -0.47
C GLU B 19 6.64 37.17 -0.75
N GLU B 20 7.72 36.46 -0.49
CA GLU B 20 7.70 35.00 -0.55
C GLU B 20 7.51 34.44 0.86
N LEU B 21 6.59 33.49 0.98
CA LEU B 21 6.21 32.93 2.26
C LEU B 21 7.01 31.69 2.62
N GLY B 22 7.39 30.90 1.64
CA GLY B 22 8.15 29.70 1.89
C GLY B 22 8.53 29.04 0.56
N LYS B 23 9.37 28.02 0.67
CA LYS B 23 9.84 27.28 -0.48
C LYS B 23 9.41 25.82 -0.35
N GLY B 24 9.08 25.20 -1.48
CA GLY B 24 8.85 23.79 -1.54
C GLY B 24 10.00 23.05 -2.22
N ALA B 25 9.72 21.81 -2.62
CA ALA B 25 10.71 21.05 -3.37
C ALA B 25 11.12 21.81 -4.63
N PHE B 26 10.17 22.06 -5.53
CA PHE B 26 10.42 22.80 -6.76
C PHE B 26 9.25 23.75 -7.02
N SER B 27 9.00 24.64 -6.06
CA SER B 27 7.87 25.55 -6.11
C SER B 27 8.07 26.60 -5.01
N VAL B 28 7.58 27.80 -5.27
CA VAL B 28 7.58 28.84 -4.26
C VAL B 28 6.13 29.17 -3.91
N VAL B 29 5.93 29.61 -2.67
CA VAL B 29 4.67 30.16 -2.21
C VAL B 29 4.88 31.65 -1.95
N ARG B 30 3.96 32.47 -2.43
CA ARG B 30 4.09 33.92 -2.32
C ARG B 30 2.77 34.50 -1.84
N ARG B 31 2.84 35.45 -0.94
CA ARG B 31 1.65 36.23 -0.62
C ARG B 31 1.25 37.02 -1.85
N CYS B 32 -0.05 37.09 -2.09
CA CYS B 32 -0.55 37.72 -3.30
C CYS B 32 -1.90 38.35 -2.99
N MET B 33 -2.22 39.42 -3.73
CA MET B 33 -3.46 40.16 -3.52
C MET B 33 -4.31 40.09 -4.78
N LYS B 34 -5.59 39.78 -4.60
CA LYS B 34 -6.56 39.83 -5.69
C LYS B 34 -6.93 41.28 -5.95
N ILE B 35 -6.52 41.80 -7.10
CA ILE B 35 -6.73 43.23 -7.41
C ILE B 35 -8.22 43.62 -7.34
N PRO B 36 -9.13 42.91 -8.03
CA PRO B 36 -10.55 43.31 -7.94
C PRO B 36 -11.07 43.46 -6.52
N THR B 37 -10.77 42.53 -5.63
CA THR B 37 -11.33 42.57 -4.29
C THR B 37 -10.34 42.97 -3.21
N GLY B 38 -9.04 43.02 -3.52
CA GLY B 38 -8.07 43.33 -2.48
C GLY B 38 -7.97 42.29 -1.39
N GLN B 39 -8.60 41.14 -1.55
CA GLN B 39 -8.42 40.05 -0.60
C GLN B 39 -7.03 39.44 -0.78
N GLU B 40 -6.39 39.15 0.36
CA GLU B 40 -5.08 38.52 0.37
C GLU B 40 -5.21 37.02 0.12
N TYR B 41 -4.16 36.43 -0.44
CA TYR B 41 -4.11 34.99 -0.63
C TYR B 41 -2.66 34.54 -0.60
N ALA B 42 -2.48 33.23 -0.55
CA ALA B 42 -1.19 32.60 -0.81
C ALA B 42 -1.29 31.87 -2.14
N ALA B 43 -0.24 31.99 -2.95
CA ALA B 43 -0.20 31.33 -4.25
C ALA B 43 0.98 30.37 -4.28
N LYS B 44 0.69 29.09 -4.51
CA LYS B 44 1.71 28.10 -4.78
C LYS B 44 2.04 28.18 -6.28
N ILE B 45 3.24 28.61 -6.60
CA ILE B 45 3.64 28.91 -7.98
C ILE B 45 4.58 27.81 -8.44
N ILE B 46 4.26 27.20 -9.56
CA ILE B 46 5.01 26.08 -10.10
C ILE B 46 5.42 26.41 -11.54
N ASN B 47 6.71 26.30 -11.82
CA ASN B 47 7.26 26.59 -13.14
C ASN B 47 7.11 25.33 -14.00
N THR B 48 6.03 25.28 -14.78
CA THR B 48 5.73 24.10 -15.58
C THR B 48 6.81 23.78 -16.63
N LYS B 49 7.65 24.75 -17.00
CA LYS B 49 8.74 24.50 -17.94
C LYS B 49 9.86 23.66 -17.35
N LYS B 50 9.77 23.20 -16.10
CA LYS B 50 10.84 22.38 -15.53
C LYS B 50 10.33 21.11 -14.86
N LEU B 51 9.04 20.80 -14.94
CA LEU B 51 8.54 19.53 -14.41
C LEU B 51 8.42 18.51 -15.53
N SER B 52 8.63 17.25 -15.18
CA SER B 52 8.39 16.19 -16.15
C SER B 52 6.90 15.94 -16.24
N ALA B 53 6.51 14.97 -17.07
CA ALA B 53 5.11 14.58 -17.13
C ALA B 53 4.62 14.08 -15.78
N ARG B 54 5.47 13.36 -15.03
CA ARG B 54 5.03 12.82 -13.75
C ARG B 54 4.65 13.94 -12.77
N ASP B 55 5.56 14.88 -12.57
CA ASP B 55 5.28 15.98 -11.66
C ASP B 55 4.10 16.83 -12.12
N HIS B 56 3.79 16.83 -13.42
CA HIS B 56 2.64 17.59 -13.87
C HIS B 56 1.33 16.89 -13.55
N GLN B 57 1.29 15.56 -13.68
CA GLN B 57 0.12 14.80 -13.20
C GLN B 57 -0.01 14.86 -11.68
N LYS B 58 1.11 14.93 -10.95
CA LYS B 58 1.00 15.13 -9.51
C LYS B 58 0.30 16.44 -9.20
N LEU B 59 0.38 17.41 -10.12
CA LEU B 59 -0.14 18.74 -9.88
C LEU B 59 -1.66 18.77 -10.00
N GLU B 60 -2.22 18.08 -10.99
CA GLU B 60 -3.67 18.05 -11.10
C GLU B 60 -4.29 17.20 -9.99
N ARG B 61 -3.53 16.21 -9.50
CA ARG B 61 -3.97 15.43 -8.36
C ARG B 61 -4.01 16.30 -7.11
N GLU B 62 -2.91 17.00 -6.84
CA GLU B 62 -2.86 18.00 -5.79
C GLU B 62 -4.04 18.97 -5.88
N ALA B 63 -4.31 19.50 -7.06
CA ALA B 63 -5.43 20.43 -7.20
C ALA B 63 -6.77 19.75 -6.93
N ARG B 64 -6.94 18.52 -7.43
CA ARG B 64 -8.18 17.81 -7.20
C ARG B 64 -8.37 17.51 -5.70
N ILE B 65 -7.29 17.22 -5.00
CA ILE B 65 -7.41 16.91 -3.56
C ILE B 65 -7.74 18.17 -2.78
N CYS B 66 -7.14 19.31 -3.14
CA CYS B 66 -7.40 20.55 -2.40
C CYS B 66 -8.81 21.07 -2.64
N ARG B 67 -9.38 20.84 -3.82
CA ARG B 67 -10.76 21.22 -4.05
C ARG B 67 -11.71 20.38 -3.22
N LEU B 68 -11.35 19.12 -2.99
CA LEU B 68 -12.24 18.21 -2.29
C LEU B 68 -12.27 18.49 -0.79
N LEU B 69 -11.16 18.98 -0.23
CA LEU B 69 -10.94 19.03 1.22
C LEU B 69 -11.38 20.39 1.76
N LYS B 70 -12.52 20.43 2.43
CA LYS B 70 -13.09 21.66 2.98
C LYS B 70 -13.28 21.50 4.49
N HIS B 71 -12.40 22.12 5.26
CA HIS B 71 -12.39 21.88 6.69
C HIS B 71 -11.77 23.08 7.38
N PRO B 72 -12.25 23.44 8.58
CA PRO B 72 -11.66 24.59 9.28
C PRO B 72 -10.19 24.44 9.63
N ASN B 73 -9.66 23.21 9.71
CA ASN B 73 -8.24 23.02 10.01
C ASN B 73 -7.41 22.61 8.79
N ILE B 74 -7.91 22.87 7.58
CA ILE B 74 -7.14 22.60 6.36
C ILE B 74 -7.16 23.86 5.50
N VAL B 75 -5.99 24.24 4.97
CA VAL B 75 -5.94 25.36 4.03
C VAL B 75 -6.97 25.16 2.93
N ARG B 76 -7.68 26.22 2.57
CA ARG B 76 -8.79 26.15 1.63
C ARG B 76 -8.34 26.69 0.27
N LEU B 77 -8.48 25.88 -0.77
CA LEU B 77 -8.14 26.31 -2.12
C LEU B 77 -9.15 27.32 -2.62
N HIS B 78 -8.65 28.47 -3.10
CA HIS B 78 -9.52 29.46 -3.71
C HIS B 78 -9.64 29.30 -5.23
N ASP B 79 -8.53 29.05 -5.92
CA ASP B 79 -8.54 28.89 -7.37
C ASP B 79 -7.32 28.10 -7.81
N SER B 80 -7.42 27.54 -9.02
CA SER B 80 -6.33 26.82 -9.67
C SER B 80 -6.20 27.35 -11.09
N ILE B 81 -5.13 28.08 -11.36
CA ILE B 81 -4.96 28.80 -12.62
C ILE B 81 -3.71 28.29 -13.33
N SER B 82 -3.88 27.86 -14.58
CA SER B 82 -2.77 27.43 -15.40
C SER B 82 -2.52 28.46 -16.48
N GLU B 83 -1.26 28.88 -16.62
CA GLU B 83 -0.84 29.80 -17.68
C GLU B 83 0.31 29.19 -18.46
N GLU B 84 0.78 29.95 -19.46
CA GLU B 84 1.99 29.55 -20.16
C GLU B 84 3.17 29.63 -19.20
N GLY B 85 3.83 28.50 -18.99
CA GLY B 85 5.03 28.44 -18.21
C GLY B 85 4.84 28.31 -16.71
N PHE B 86 3.65 28.62 -16.19
CA PHE B 86 3.44 28.70 -14.75
C PHE B 86 2.07 28.20 -14.35
N HIS B 87 1.99 27.50 -13.21
CA HIS B 87 0.71 27.09 -12.63
C HIS B 87 0.56 27.66 -11.22
N TYR B 88 -0.63 28.15 -10.94
CA TYR B 88 -0.92 28.88 -9.72
C TYR B 88 -2.02 28.16 -8.95
N LEU B 89 -1.68 27.69 -7.74
CA LEU B 89 -2.65 27.20 -6.76
C LEU B 89 -2.85 28.29 -5.73
N VAL B 90 -4.05 28.88 -5.71
CA VAL B 90 -4.34 30.03 -4.87
C VAL B 90 -5.10 29.55 -3.64
N PHE B 91 -4.58 29.86 -2.47
CA PHE B 91 -5.19 29.46 -1.20
C PHE B 91 -5.51 30.69 -0.37
N ASP B 92 -6.58 30.61 0.42
CA ASP B 92 -6.81 31.64 1.42
C ASP B 92 -5.57 31.78 2.31
N LEU B 93 -5.28 33.02 2.71
CA LEU B 93 -4.03 33.30 3.41
C LEU B 93 -4.20 33.09 4.92
N VAL B 94 -3.21 32.45 5.52
CA VAL B 94 -3.17 32.28 6.98
C VAL B 94 -1.94 33.03 7.49
N THR B 95 -2.16 33.95 8.42
CA THR B 95 -1.16 34.94 8.74
C THR B 95 -0.42 34.68 10.06
N GLY B 96 -0.70 33.56 10.72
CA GLY B 96 -0.03 33.22 11.96
C GLY B 96 1.32 32.54 11.83
N GLY B 97 1.78 32.22 10.62
CA GLY B 97 3.08 31.57 10.50
C GLY B 97 3.03 30.09 10.87
N GLU B 98 4.21 29.51 11.10
CA GLU B 98 4.34 28.12 11.49
C GLU B 98 4.03 27.94 12.98
N LEU B 99 3.38 26.83 13.32
CA LEU B 99 2.99 26.55 14.71
C LEU B 99 4.20 26.49 15.64
N PHE B 100 5.22 25.73 15.28
CA PHE B 100 6.38 25.58 16.16
C PHE B 100 7.05 26.92 16.43
N GLU B 101 7.16 27.79 15.42
CA GLU B 101 7.78 29.09 15.64
C GLU B 101 6.94 29.96 16.58
N ASP B 102 5.62 29.85 16.51
CA ASP B 102 4.77 30.61 17.42
C ASP B 102 4.88 30.11 18.85
N ILE B 103 5.08 28.80 19.03
CA ILE B 103 5.12 28.25 20.37
C ILE B 103 6.33 28.77 21.13
N VAL B 104 7.47 28.92 20.45
CA VAL B 104 8.67 29.38 21.14
C VAL B 104 8.59 30.85 21.54
N ALA B 105 7.62 31.59 21.03
CA ALA B 105 7.42 32.96 21.47
C ALA B 105 6.40 33.09 22.60
N ARG B 106 5.72 31.99 22.94
CA ARG B 106 4.71 32.04 23.99
C ARG B 106 5.33 32.14 25.37
N GLU B 107 4.63 32.86 26.26
CA GLU B 107 5.06 32.97 27.65
C GLU B 107 4.56 31.81 28.49
N TYR B 108 3.42 31.23 28.13
CA TYR B 108 2.82 30.12 28.86
C TYR B 108 2.49 29.01 27.88
N TYR B 109 3.13 27.85 28.05
CA TYR B 109 2.92 26.72 27.15
C TYR B 109 2.95 25.43 27.94
N SER B 110 1.82 24.73 27.95
CA SER B 110 1.55 23.59 28.81
C SER B 110 1.12 22.39 27.98
N GLU B 111 1.01 21.23 28.63
CA GLU B 111 0.41 20.07 28.01
C GLU B 111 -0.97 20.38 27.46
N ALA B 112 -1.73 21.21 28.17
CA ALA B 112 -3.08 21.53 27.72
C ALA B 112 -3.06 22.23 26.37
N ASP B 113 -2.00 22.98 26.09
CA ASP B 113 -1.88 23.65 24.78
C ASP B 113 -1.48 22.66 23.70
N ALA B 114 -0.48 21.81 23.99
CA ALA B 114 -0.10 20.75 23.04
C ALA B 114 -1.31 19.90 22.65
N SER B 115 -2.14 19.57 23.63
CA SER B 115 -3.33 18.75 23.38
C SER B 115 -4.35 19.49 22.53
N HIS B 116 -4.44 20.81 22.72
CA HIS B 116 -5.35 21.56 21.87
C HIS B 116 -4.86 21.58 20.43
N CYS B 117 -3.54 21.75 20.22
CA CYS B 117 -2.97 21.71 18.88
C CYS B 117 -3.17 20.34 18.23
N ILE B 118 -2.86 19.27 18.97
CA ILE B 118 -2.99 17.92 18.44
C ILE B 118 -4.43 17.62 18.08
N GLN B 119 -5.37 18.11 18.90
CA GLN B 119 -6.78 17.90 18.59
C GLN B 119 -7.11 18.44 17.21
N GLN B 120 -6.64 19.64 16.91
CA GLN B 120 -6.95 20.28 15.63
C GLN B 120 -6.27 19.55 14.47
N ILE B 121 -5.01 19.15 14.66
CA ILE B 121 -4.29 18.35 13.69
C ILE B 121 -5.04 17.05 13.39
N LEU B 122 -5.52 16.38 14.43
CA LEU B 122 -6.23 15.12 14.29
C LEU B 122 -7.57 15.31 13.60
N GLU B 123 -8.23 16.45 13.84
CA GLU B 123 -9.48 16.71 13.13
C GLU B 123 -9.20 16.86 11.63
N SER B 124 -8.09 17.49 11.27
CA SER B 124 -7.72 17.62 9.86
C SER B 124 -7.33 16.26 9.26
N VAL B 125 -6.53 15.47 10.00
CA VAL B 125 -6.10 14.17 9.51
C VAL B 125 -7.28 13.21 9.41
N ASN B 126 -8.17 13.22 10.41
CA ASN B 126 -9.39 12.44 10.30
C ASN B 126 -10.19 12.85 9.08
N HIS B 127 -10.31 14.15 8.82
CA HIS B 127 -11.07 14.61 7.66
C HIS B 127 -10.43 14.17 6.36
N CYS B 128 -9.10 14.18 6.30
CA CYS B 128 -8.43 13.64 5.12
C CYS B 128 -8.78 12.17 4.95
N HIS B 129 -8.68 11.40 6.03
CA HIS B 129 -8.88 9.96 5.94
C HIS B 129 -10.34 9.63 5.60
N LEU B 130 -11.29 10.44 6.05
CA LEU B 130 -12.68 10.17 5.69
C LEU B 130 -12.90 10.35 4.19
N ASN B 131 -12.12 11.20 3.54
CA ASN B 131 -12.26 11.43 2.12
C ASN B 131 -11.24 10.64 1.30
N GLY B 132 -10.64 9.62 1.90
CA GLY B 132 -9.72 8.77 1.17
C GLY B 132 -8.37 9.37 0.88
N ILE B 133 -7.94 10.37 1.64
CA ILE B 133 -6.69 11.08 1.39
C ILE B 133 -5.67 10.75 2.47
N VAL B 134 -4.46 10.35 2.05
CA VAL B 134 -3.33 10.14 2.95
C VAL B 134 -2.32 11.25 2.67
N HIS B 135 -2.00 12.03 3.69
CA HIS B 135 -1.21 13.25 3.45
C HIS B 135 0.23 12.92 3.12
N ARG B 136 0.86 12.06 3.93
CA ARG B 136 2.20 11.49 3.76
C ARG B 136 3.31 12.47 4.12
N ASP B 137 3.02 13.73 4.39
CA ASP B 137 4.09 14.67 4.77
C ASP B 137 3.68 15.50 5.98
N LEU B 138 3.15 14.83 6.99
CA LEU B 138 2.86 15.53 8.23
C LEU B 138 4.18 15.94 8.87
N LYS B 139 4.40 17.24 9.00
CA LYS B 139 5.63 17.73 9.60
C LYS B 139 5.42 19.17 10.07
N PRO B 140 6.29 19.68 10.96
CA PRO B 140 6.07 21.03 11.52
C PRO B 140 5.88 22.11 10.47
N GLU B 141 6.68 22.10 9.39
CA GLU B 141 6.57 23.09 8.32
C GLU B 141 5.21 23.08 7.63
N ASN B 142 4.37 22.07 7.88
CA ASN B 142 3.05 22.00 7.26
C ASN B 142 1.91 22.37 8.18
N LEU B 143 2.21 22.76 9.43
CA LEU B 143 1.22 23.21 10.39
C LEU B 143 1.32 24.73 10.48
N LEU B 144 0.29 25.42 10.00
CA LEU B 144 0.22 26.88 9.98
C LEU B 144 -0.86 27.35 10.94
N LEU B 145 -0.68 28.57 11.45
CA LEU B 145 -1.63 29.19 12.38
C LEU B 145 -2.49 30.21 11.66
N ALA B 146 -3.80 30.17 11.91
CA ALA B 146 -4.74 30.94 11.10
C ALA B 146 -4.50 32.44 11.21
N SER B 147 -4.20 32.94 12.40
CA SER B 147 -3.83 34.34 12.55
C SER B 147 -2.85 34.46 13.71
N LYS B 148 -2.37 35.68 13.94
CA LYS B 148 -1.57 36.00 15.11
C LYS B 148 -2.43 36.24 16.36
N SER B 149 -3.74 36.00 16.29
CA SER B 149 -4.65 36.28 17.40
C SER B 149 -4.53 35.21 18.48
N LYS B 150 -5.35 35.36 19.52
CA LYS B 150 -5.37 34.44 20.65
C LYS B 150 -6.22 33.22 20.31
N GLY B 151 -5.62 32.03 20.38
CA GLY B 151 -6.34 30.82 20.05
C GLY B 151 -6.72 30.68 18.58
N ALA B 152 -5.86 31.15 17.67
CA ALA B 152 -6.10 30.95 16.24
C ALA B 152 -5.93 29.49 15.86
N ALA B 153 -6.80 29.01 14.98
CA ALA B 153 -6.83 27.58 14.67
C ALA B 153 -5.55 27.15 13.96
N VAL B 154 -5.18 25.88 14.14
CA VAL B 154 -4.11 25.25 13.38
C VAL B 154 -4.65 24.84 12.02
N LYS B 155 -3.86 25.02 10.97
CA LYS B 155 -4.27 24.64 9.62
C LYS B 155 -3.23 23.71 9.01
N LEU B 156 -3.70 22.56 8.52
CA LEU B 156 -2.82 21.66 7.78
C LEU B 156 -2.66 22.12 6.33
N ALA B 157 -1.42 22.16 5.84
CA ALA B 157 -1.13 22.69 4.52
C ALA B 157 -0.34 21.69 3.68
N ASP B 158 -0.18 22.05 2.40
CA ASP B 158 0.69 21.37 1.43
C ASP B 158 0.33 19.90 1.21
N PHE B 159 -0.55 19.65 0.23
CA PHE B 159 -0.92 18.30 -0.18
C PHE B 159 -0.15 17.84 -1.42
N GLY B 160 1.04 18.40 -1.64
CA GLY B 160 1.87 18.01 -2.76
C GLY B 160 2.26 16.54 -2.76
N LEU B 161 2.32 15.89 -1.60
CA LEU B 161 2.63 14.47 -1.56
C LEU B 161 1.43 13.59 -1.28
N ALA B 162 0.25 14.20 -1.12
CA ALA B 162 -0.93 13.43 -0.75
C ALA B 162 -1.37 12.49 -1.85
N ILE B 163 -1.90 11.34 -1.44
CA ILE B 163 -2.37 10.34 -2.37
C ILE B 163 -3.83 10.02 -2.05
N GLU B 164 -4.53 9.49 -3.05
CA GLU B 164 -5.88 8.98 -2.88
C GLU B 164 -5.79 7.47 -2.72
N VAL B 165 -6.49 6.94 -1.72
CA VAL B 165 -6.52 5.50 -1.48
C VAL B 165 -7.95 4.98 -1.72
N GLN B 166 -8.08 3.66 -1.82
CA GLN B 166 -9.37 3.00 -2.00
C GLN B 166 -9.80 2.41 -0.65
N GLY B 167 -10.56 3.18 0.13
CA GLY B 167 -11.04 2.67 1.41
C GLY B 167 -9.86 2.40 2.33
N ASP B 168 -9.80 1.18 2.88
CA ASP B 168 -8.68 0.83 3.75
C ASP B 168 -7.68 -0.11 3.08
N GLN B 169 -7.72 -0.24 1.75
CA GLN B 169 -6.73 -1.06 1.07
C GLN B 169 -5.36 -0.45 1.24
N GLN B 170 -4.38 -1.27 1.64
CA GLN B 170 -3.01 -0.83 1.73
C GLN B 170 -2.25 -1.33 0.51
N ALA B 171 -1.26 -0.54 0.09
CA ALA B 171 -0.41 -0.91 -1.03
C ALA B 171 0.89 -0.13 -0.87
N TRP B 172 1.87 -0.45 -1.72
CA TRP B 172 3.13 0.25 -1.76
C TRP B 172 3.01 1.43 -2.73
N PHE B 173 2.93 2.64 -2.18
CA PHE B 173 2.78 3.84 -2.99
C PHE B 173 4.09 4.61 -3.12
N GLY B 174 5.22 3.98 -2.86
CA GLY B 174 6.50 4.63 -3.03
C GLY B 174 6.98 5.39 -1.81
N PHE B 175 8.25 5.73 -1.84
CA PHE B 175 8.82 6.56 -0.79
C PHE B 175 8.33 7.99 -0.93
N ALA B 176 7.98 8.60 0.20
CA ALA B 176 7.57 9.99 0.28
C ALA B 176 7.60 10.38 1.74
N GLY B 177 8.00 11.61 2.00
CA GLY B 177 7.98 12.18 3.33
C GLY B 177 9.36 12.60 3.79
N THR B 178 9.42 13.03 5.04
CA THR B 178 10.62 13.55 5.68
C THR B 178 11.18 12.52 6.64
N PRO B 179 12.51 12.32 6.59
CA PRO B 179 13.10 11.18 7.31
C PRO B 179 12.61 10.98 8.75
N GLY B 180 12.65 12.01 9.58
CA GLY B 180 12.32 11.85 11.00
C GLY B 180 10.87 11.49 11.28
N TYR B 181 10.01 11.59 10.27
CA TYR B 181 8.59 11.35 10.43
C TYR B 181 8.09 10.11 9.72
N LEU B 182 8.98 9.34 9.11
CA LEU B 182 8.51 8.21 8.32
C LEU B 182 8.19 7.02 9.21
N SER B 183 7.17 6.28 8.81
CA SER B 183 6.64 5.16 9.56
C SER B 183 7.48 3.91 9.36
N PRO B 184 7.41 2.95 10.29
CA PRO B 184 8.12 1.68 10.07
C PRO B 184 7.71 0.97 8.81
N GLU B 185 6.42 0.96 8.48
CA GLU B 185 5.98 0.21 7.31
C GLU B 185 6.58 0.77 6.03
N VAL B 186 6.71 2.10 5.93
CA VAL B 186 7.32 2.70 4.74
C VAL B 186 8.80 2.35 4.66
N LEU B 187 9.51 2.41 5.78
CA LEU B 187 10.94 2.09 5.75
C LEU B 187 11.18 0.59 5.51
N ARG B 188 10.19 -0.25 5.81
CA ARG B 188 10.29 -1.65 5.43
C ARG B 188 9.90 -1.87 3.97
N LYS B 189 9.40 -0.83 3.30
CA LYS B 189 8.91 -0.91 1.91
C LYS B 189 7.75 -1.90 1.80
N ASP B 190 6.92 -1.94 2.84
CA ASP B 190 5.71 -2.72 2.91
C ASP B 190 4.49 -1.89 2.49
N PRO B 191 3.39 -2.55 2.13
CA PRO B 191 2.13 -1.82 1.93
C PRO B 191 1.81 -0.93 3.12
N TYR B 192 1.29 0.25 2.84
CA TYR B 192 0.97 1.21 3.88
C TYR B 192 -0.30 1.95 3.49
N GLY B 193 -0.69 2.90 4.32
CA GLY B 193 -1.95 3.57 4.09
C GLY B 193 -2.13 4.73 5.05
N LYS B 194 -3.39 5.02 5.36
CA LYS B 194 -3.71 6.06 6.34
C LYS B 194 -2.89 5.97 7.63
N PRO B 195 -2.59 4.78 8.20
CA PRO B 195 -1.86 4.78 9.48
C PRO B 195 -0.54 5.53 9.46
N VAL B 196 0.04 5.81 8.28
CA VAL B 196 1.32 6.50 8.26
C VAL B 196 1.17 7.92 8.78
N ASP B 197 -0.04 8.49 8.66
CA ASP B 197 -0.23 9.86 9.13
C ASP B 197 -0.35 9.90 10.66
N MET B 198 -0.81 8.80 11.27
CA MET B 198 -0.89 8.73 12.72
C MET B 198 0.47 8.52 13.36
N TRP B 199 1.39 7.81 12.68
CA TRP B 199 2.76 7.72 13.17
C TRP B 199 3.42 9.09 13.20
N ALA B 200 3.26 9.87 12.14
CA ALA B 200 3.85 11.20 12.09
C ALA B 200 3.24 12.09 13.16
N CYS B 201 1.93 11.96 13.37
CA CYS B 201 1.25 12.66 14.46
C CYS B 201 1.86 12.34 15.81
N GLY B 202 2.25 11.08 16.02
CA GLY B 202 2.89 10.70 17.26
C GLY B 202 4.28 11.30 17.39
N VAL B 203 5.00 11.42 16.27
CA VAL B 203 6.29 12.09 16.32
C VAL B 203 6.10 13.57 16.65
N ILE B 204 5.10 14.21 16.02
CA ILE B 204 4.84 15.63 16.28
C ILE B 204 4.47 15.84 17.74
N LEU B 205 3.61 14.98 18.31
CA LEU B 205 3.18 15.14 19.70
C LEU B 205 4.36 15.02 20.65
N TYR B 206 5.23 14.04 20.43
CA TYR B 206 6.43 13.89 21.23
C TYR B 206 7.22 15.20 21.29
N ILE B 207 7.45 15.81 20.13
CA ILE B 207 8.22 17.05 20.06
C ILE B 207 7.47 18.18 20.74
N LEU B 208 6.16 18.24 20.57
CA LEU B 208 5.37 19.29 21.21
C LEU B 208 5.42 19.22 22.74
N LEU B 209 5.82 18.08 23.31
CA LEU B 209 5.89 17.98 24.77
C LEU B 209 7.28 18.32 25.30
N VAL B 210 8.35 17.92 24.62
CA VAL B 210 9.71 18.11 25.12
C VAL B 210 10.62 18.89 24.18
N GLY B 211 10.20 19.19 22.95
CA GLY B 211 10.97 20.06 22.07
C GLY B 211 12.19 19.41 21.43
N TYR B 212 12.21 18.10 21.33
CA TYR B 212 13.23 17.32 20.63
C TYR B 212 12.59 16.03 20.18
N PRO B 213 13.12 15.40 19.13
CA PRO B 213 12.38 14.29 18.45
C PRO B 213 12.63 12.94 19.09
N PRO B 214 11.67 12.02 18.99
CA PRO B 214 11.87 10.66 19.54
C PRO B 214 12.99 9.89 18.89
N PHE B 215 13.21 10.08 17.59
CA PHE B 215 14.27 9.39 16.86
C PHE B 215 15.16 10.42 16.20
N TRP B 216 16.47 10.34 16.41
CA TRP B 216 17.37 11.27 15.76
C TRP B 216 18.71 10.59 15.52
N ASP B 217 19.24 10.77 14.31
CA ASP B 217 20.60 10.40 14.02
C ASP B 217 21.14 11.26 12.86
N GLU B 218 22.43 11.55 12.94
CA GLU B 218 23.19 12.23 11.91
C GLU B 218 23.27 11.41 10.64
N ASP B 219 23.22 10.09 10.77
CA ASP B 219 23.19 9.15 9.65
C ASP B 219 21.78 8.60 9.52
N GLN B 220 21.13 8.87 8.38
CA GLN B 220 19.73 8.46 8.23
C GLN B 220 19.54 6.95 8.25
N HIS B 221 20.60 6.16 8.08
CA HIS B 221 20.41 4.72 8.15
C HIS B 221 20.22 4.25 9.58
N ARG B 222 20.98 4.82 10.52
CA ARG B 222 20.79 4.46 11.92
C ARG B 222 19.45 4.99 12.44
N LEU B 223 19.12 6.24 12.10
CA LEU B 223 17.80 6.78 12.42
C LEU B 223 16.69 5.83 11.97
N TYR B 224 16.80 5.31 10.74
CA TYR B 224 15.79 4.40 10.23
C TYR B 224 15.74 3.10 11.04
N GLN B 225 16.87 2.64 11.56
CA GLN B 225 16.83 1.42 12.39
C GLN B 225 16.12 1.68 13.70
N GLN B 226 16.37 2.84 14.32
CA GLN B 226 15.67 3.21 15.55
C GLN B 226 14.16 3.22 15.33
N ILE B 227 13.72 3.78 14.20
CA ILE B 227 12.31 3.91 13.86
C ILE B 227 11.68 2.54 13.64
N LYS B 228 12.39 1.65 12.95
CA LYS B 228 11.78 0.35 12.65
C LYS B 228 11.65 -0.50 13.90
N ALA B 229 12.48 -0.25 14.90
CA ALA B 229 12.38 -0.97 16.16
C ALA B 229 11.53 -0.23 17.19
N GLY B 230 11.02 0.95 16.87
CA GLY B 230 10.30 1.74 17.85
C GLY B 230 11.16 2.12 19.04
N ALA B 231 12.43 2.41 18.79
CA ALA B 231 13.38 2.69 19.86
C ALA B 231 13.31 4.17 20.23
N TYR B 232 12.28 4.50 21.01
CA TYR B 232 12.14 5.79 21.68
C TYR B 232 11.90 5.53 23.16
N ASP B 233 12.01 6.57 23.98
CA ASP B 233 11.77 6.41 25.41
C ASP B 233 11.44 7.76 26.02
N PHE B 234 11.15 7.77 27.32
CA PHE B 234 10.67 8.94 28.04
C PHE B 234 11.65 9.26 29.16
N PRO B 235 12.84 9.74 28.82
CA PRO B 235 13.87 9.91 29.84
C PRO B 235 13.55 11.04 30.80
N SER B 236 14.11 10.90 31.97
CA SER B 236 14.18 11.84 33.06
C SER B 236 15.21 12.91 32.71
N PRO B 237 14.99 14.16 33.13
CA PRO B 237 13.90 14.65 33.96
C PRO B 237 12.64 15.11 33.22
N GLU B 238 12.80 15.55 31.96
CA GLU B 238 11.73 16.31 31.31
C GLU B 238 10.45 15.50 31.18
N TRP B 239 10.55 14.19 30.98
CA TRP B 239 9.34 13.38 30.88
C TRP B 239 8.72 13.03 32.23
N ASP B 240 9.44 13.27 33.34
CA ASP B 240 8.89 12.90 34.66
C ASP B 240 7.64 13.70 34.99
N THR B 241 7.51 14.91 34.43
CA THR B 241 6.38 15.78 34.71
C THR B 241 5.28 15.67 33.67
N VAL B 242 5.36 14.69 32.79
CA VAL B 242 4.37 14.54 31.73
C VAL B 242 3.35 13.50 32.18
N THR B 243 2.07 13.85 32.06
CA THR B 243 1.00 12.93 32.44
C THR B 243 1.19 11.57 31.80
N PRO B 244 0.89 10.49 32.52
CA PRO B 244 0.82 9.16 31.88
C PRO B 244 -0.16 9.10 30.72
N GLU B 245 -1.16 9.98 30.67
CA GLU B 245 -2.13 9.92 29.58
C GLU B 245 -1.53 10.45 28.28
N ALA B 246 -0.74 11.52 28.34
CA ALA B 246 -0.04 11.98 27.15
C ALA B 246 0.95 10.92 26.67
N LYS B 247 1.68 10.30 27.59
CA LYS B 247 2.58 9.22 27.20
C LYS B 247 1.79 8.07 26.59
N ASP B 248 0.62 7.77 27.15
CA ASP B 248 -0.22 6.72 26.58
C ASP B 248 -0.59 7.02 25.14
N LEU B 249 -1.09 8.23 24.87
CA LEU B 249 -1.48 8.58 23.50
C LEU B 249 -0.30 8.42 22.56
N ILE B 250 0.87 8.95 22.95
CA ILE B 250 2.08 8.78 22.17
C ILE B 250 2.34 7.31 21.88
N ASN B 251 2.31 6.47 22.92
CA ASN B 251 2.54 5.04 22.72
C ASN B 251 1.56 4.47 21.71
N LYS B 252 0.31 4.92 21.74
CA LYS B 252 -0.69 4.36 20.85
C LYS B 252 -0.47 4.82 19.41
N MET B 253 0.08 6.02 19.22
CA MET B 253 0.42 6.50 17.88
C MET B 253 1.72 5.92 17.39
N LEU B 254 2.71 5.76 18.26
CA LEU B 254 3.98 5.18 17.81
C LEU B 254 4.00 3.67 17.99
N THR B 255 2.92 3.01 17.58
CA THR B 255 2.85 1.56 17.54
C THR B 255 3.32 1.04 16.18
N ILE B 256 4.21 0.03 16.18
CA ILE B 256 4.81 -0.45 14.94
C ILE B 256 3.77 -1.07 14.04
N ASN B 257 2.94 -1.93 14.60
CA ASN B 257 1.88 -2.65 13.90
C ASN B 257 0.85 -1.63 13.41
N PRO B 258 0.78 -1.35 12.10
CA PRO B 258 -0.11 -0.28 11.62
C PRO B 258 -1.58 -0.55 11.88
N ALA B 259 -2.00 -1.82 11.82
CA ALA B 259 -3.40 -2.11 12.09
C ALA B 259 -3.73 -2.00 13.59
N LYS B 260 -2.75 -2.00 14.47
CA LYS B 260 -3.04 -1.74 15.89
C LYS B 260 -2.81 -0.29 16.29
N ARG B 261 -2.23 0.52 15.42
CA ARG B 261 -2.01 1.93 15.71
C ARG B 261 -3.35 2.64 15.86
N ILE B 262 -3.41 3.59 16.80
CA ILE B 262 -4.64 4.36 16.95
C ILE B 262 -4.96 5.09 15.66
N THR B 263 -6.23 5.09 15.28
CA THR B 263 -6.71 5.90 14.18
C THR B 263 -6.98 7.33 14.66
N ALA B 264 -7.13 8.24 13.70
CA ALA B 264 -7.36 9.63 14.08
C ALA B 264 -8.70 9.78 14.79
N SER B 265 -9.72 9.07 14.32
CA SER B 265 -11.03 9.08 14.97
C SER B 265 -10.94 8.59 16.41
N GLU B 266 -10.11 7.58 16.66
CA GLU B 266 -10.00 7.06 18.03
C GLU B 266 -9.15 7.97 18.91
N ALA B 267 -8.10 8.56 18.34
CA ALA B 267 -7.27 9.49 19.09
C ALA B 267 -8.04 10.71 19.53
N LEU B 268 -9.13 11.03 18.85
CA LEU B 268 -9.93 12.18 19.24
C LEU B 268 -10.83 11.87 20.42
N LYS B 269 -11.06 10.58 20.71
CA LYS B 269 -11.82 10.10 21.86
C LYS B 269 -10.92 9.79 23.06
N HIS B 270 -9.62 9.92 22.90
CA HIS B 270 -8.68 9.66 23.98
C HIS B 270 -8.82 10.75 25.05
N PRO B 271 -8.74 10.38 26.34
CA PRO B 271 -9.07 11.37 27.40
C PRO B 271 -8.13 12.57 27.45
N TRP B 272 -6.84 12.39 27.18
CA TRP B 272 -5.96 13.55 27.12
C TRP B 272 -6.36 14.52 26.01
N ILE B 273 -7.19 14.08 25.06
CA ILE B 273 -7.68 14.94 23.96
C ILE B 273 -9.08 15.45 24.23
N CYS B 274 -10.03 14.55 24.50
CA CYS B 274 -11.42 14.97 24.67
C CYS B 274 -11.77 15.31 26.13
N GLN B 275 -10.82 15.26 27.05
CA GLN B 275 -11.06 15.65 28.44
C GLN B 275 -9.90 16.52 28.93
N ARG B 276 -9.49 17.45 28.06
CA ARG B 276 -8.27 18.22 28.23
C ARG B 276 -8.22 18.94 29.58
N SER B 277 -9.33 19.56 30.00
CA SER B 277 -9.29 20.41 31.18
C SER B 277 -8.95 19.64 32.46
N THR B 278 -9.41 18.38 32.57
CA THR B 278 -9.07 17.59 33.75
C THR B 278 -7.85 16.70 33.58
N VAL B 279 -7.50 16.31 32.36
CA VAL B 279 -6.52 15.25 32.15
C VAL B 279 -5.16 15.82 31.76
N ALA B 280 -5.12 16.89 30.97
CA ALA B 280 -3.84 17.46 30.56
C ALA B 280 -3.32 18.40 31.63
N SER B 281 -2.01 18.37 31.85
CA SER B 281 -1.41 19.25 32.82
C SER B 281 -1.42 20.70 32.33
N MET B 282 -1.55 21.62 33.28
CA MET B 282 -1.50 23.05 33.00
C MET B 282 -0.15 23.68 33.33
N MET B 283 0.84 22.87 33.73
CA MET B 283 2.18 23.36 34.06
C MET B 283 2.92 23.90 32.83
N HIS B 284 3.46 25.11 32.95
CA HIS B 284 4.30 25.69 31.90
C HIS B 284 5.59 24.89 31.77
N ARG B 285 5.97 24.60 30.53
CA ARG B 285 7.14 23.75 30.27
C ARG B 285 8.19 24.61 29.56
N GLN B 286 8.90 25.41 30.37
CA GLN B 286 9.89 26.34 29.83
C GLN B 286 10.97 25.60 29.05
N GLU B 287 11.40 24.45 29.56
CA GLU B 287 12.49 23.75 28.89
C GLU B 287 12.06 23.20 27.53
N THR B 288 10.77 22.88 27.37
CA THR B 288 10.26 22.53 26.05
C THR B 288 10.35 23.72 25.08
N VAL B 289 9.95 24.91 25.54
CA VAL B 289 10.06 26.10 24.69
C VAL B 289 11.52 26.36 24.31
N ASP B 290 12.42 26.22 25.28
CA ASP B 290 13.85 26.37 24.99
C ASP B 290 14.31 25.34 23.98
N CYS B 291 13.95 24.07 24.19
CA CYS B 291 14.39 23.02 23.29
C CYS B 291 13.82 23.21 21.89
N LEU B 292 12.59 23.74 21.80
CA LEU B 292 11.97 23.94 20.50
C LEU B 292 12.73 24.98 19.68
N LYS B 293 13.11 26.08 20.32
CA LYS B 293 13.95 27.10 19.69
C LYS B 293 15.18 26.47 19.05
N LYS B 294 15.84 25.58 19.80
CA LYS B 294 16.95 24.83 19.23
C LYS B 294 16.48 23.95 18.08
N PHE B 295 15.37 23.26 18.27
CA PHE B 295 14.82 22.39 17.24
C PHE B 295 14.55 23.16 15.95
N ASN B 296 13.87 24.30 16.07
CA ASN B 296 13.52 25.09 14.89
C ASN B 296 14.78 25.60 14.19
N ALA B 297 15.71 26.20 14.95
CA ALA B 297 16.92 26.76 14.35
C ALA B 297 17.76 25.70 13.64
N ARG B 298 17.79 24.48 14.16
CA ARG B 298 18.61 23.45 13.52
C ARG B 298 18.03 22.98 12.21
N ARG B 299 16.72 23.21 11.98
CA ARG B 299 16.04 22.64 10.82
C ARG B 299 15.85 23.62 9.68
N LYS B 300 16.17 24.90 9.85
CA LYS B 300 16.15 25.84 8.74
C LYS B 300 17.49 25.77 8.01
C10 C2V C . 2.66 -18.52 2.79
C15 C2V C . -3.04 -14.69 2.48
C17 C2V C . -1.43 -21.10 1.63
C22 C2V C . -5.05 -17.92 2.30
C24 C2V C . -3.16 -13.31 2.32
C26 C2V C . -4.58 -18.81 1.15
C28 C2V C . -3.15 -17.55 -0.49
C03 C2V C . 0.67 -14.96 3.26
C04 C2V C . 2.54 -16.22 3.29
C05 C2V C . 1.19 -18.42 2.54
C07 C2V C . 1.80 -14.24 3.58
C08 C2V C . -0.68 -14.47 3.01
C09 C2V C . 0.42 -19.58 2.17
C11 C2V C . 3.28 -17.40 3.17
C12 C2V C . -4.21 -15.56 2.23
C14 C2V C . -1.79 -15.29 2.78
C16 C2V C . 0.86 -20.87 1.94
C19 C2V C . -0.21 -21.74 1.62
C23 C2V C . -0.84 -13.09 2.83
C25 C2V C . -2.06 -12.49 2.50
C27 C2V C . -5.57 -17.27 -0.50
N01 C2V C . 1.18 -16.24 3.05
N02 C2V C . 0.48 -17.33 2.67
N06 C2V C . 2.92 -15.01 3.63
N20 C2V C . -4.03 -16.90 2.54
N21 C2V C . -4.45 -18.17 -0.19
O18 C2V C . -5.22 -15.08 1.72
S13 C2V C . -1.29 -19.44 2.02
S1 DTT D . 14.64 -12.47 -19.62
C1 DTT D . 15.06 -10.77 -19.22
C2 DTT D . 14.95 -9.95 -20.50
O2 DTT D . 13.75 -10.31 -21.14
C3 DTT D . 16.16 -10.21 -21.42
O3 DTT D . 16.25 -11.56 -21.79
C4 DTT D . 16.03 -9.39 -22.69
S4 DTT D . 14.96 -7.97 -22.32
S1 DTT E . -13.45 20.57 23.73
C1 DTT E . -12.15 19.37 24.08
C2 DTT E . -11.89 19.33 25.58
O2 DTT E . -10.89 18.37 25.81
C3 DTT E . -13.17 19.04 26.37
O3 DTT E . -13.90 17.98 25.81
C4 DTT E . -12.90 18.71 27.83
S4 DTT E . -11.80 19.95 28.55
C10 C2V F . -1.71 28.30 2.00
C15 C2V F . 4.71 28.74 4.23
C17 C2V F . 1.20 24.65 0.23
C22 C2V F . 5.86 26.48 1.39
C24 C2V F . 5.26 29.48 5.28
C26 C2V F . 5.23 25.09 1.64
C28 C2V F . 6.05 23.26 3.04
C03 C2V F . 1.18 30.20 4.16
C04 C2V F . -0.92 30.03 3.41
C05 C2V F . -0.34 27.73 2.04
C07 C2V F . 0.36 31.22 4.61
C08 C2V F . 2.59 29.94 4.48
C09 C2V F . 0.01 26.53 1.30
C11 C2V F . -1.96 29.41 2.69
C12 C2V F . 5.50 27.70 3.51
C14 C2V F . 3.37 28.96 3.85
C16 C2V F . -0.84 25.71 0.58
C19 C2V F . -0.14 24.63 -0.05
C23 C2V F . 3.17 30.64 5.55
C25 C2V F . 4.49 30.43 5.94
C27 C2V F . 4.12 24.53 3.70
N01 C2V F . 0.32 29.43 3.39
N02 C2V F . 0.63 28.29 2.71
N06 C2V F . -0.92 31.12 4.13
N20 C2V F . 5.17 27.48 2.19
N21 C2V F . 5.42 24.59 3.01
O18 C2V F . 6.39 27.06 4.09
S13 C2V F . 1.63 25.98 1.22
#